data_2PR4
#
_entry.id   2PR4
#
_cell.length_a   63.600
_cell.length_b   76.400
_cell.length_c   94.700
_cell.angle_alpha   90.00
_cell.angle_beta   90.00
_cell.angle_gamma   90.00
#
_symmetry.space_group_name_H-M   'P 21 21 21'
#
loop_
_entity.id
_entity.type
_entity.pdbx_description
1 polymer "nmAb 2F5 Fab' Heavy Chain"
2 polymer "nmAb 2F5 Fab' light Chain"
3 water water
#
loop_
_entity_poly.entity_id
_entity_poly.type
_entity_poly.pdbx_seq_one_letter_code
_entity_poly.pdbx_strand_id
1 'polypeptide(L)'
;ALQLTQSPSSLSASVGDRITITCRASQGVTSALAWYRQKPGSPPQLLIYDASSLESGVPSRFSGSGSGTEFTLTISTLRP
EDFATYYCQQLHFYPHTFGGGTRVDVRRTVAAPSVFIFPPSDEQLKSGTASVVCLLNNFYPREAKVQWKVDNALQSGNSQ
ESVTEQDSKDSTYSLSSTLTLSKADYEKHKVYECEVTHQGLSSPVTKSFNRGEC
;
L
2 'polypeptide(L)'
;RITLKESGPPLVKPTQTLTLTCSFSGFSLSDFGVGVGWIRQPPGKALEWLAIIYSDDDKRYSPSLNTRLTITKDTSKNQV
VLVMTRVSPVDTATYFCAHRRGPTTLFGVPIARGPVNAMDVWGQGITVTISSTSTKGPSVFPLAPSSKSTSGGTAALGCL
VKDYFPEPVTVSWNSGALTSGVHTFPAVLQSSGLYSLSSVVTVPSSSLGTQTYTCNVNHKPSNTKVDKRVEPKSC
;
H
#
# COMPACT_ATOMS: atom_id res chain seq x y z
N ALA A 1 24.58 -8.90 -2.42
CA ALA A 1 23.87 -8.05 -3.42
C ALA A 1 24.00 -6.57 -3.06
N LEU A 2 24.08 -5.72 -4.08
CA LEU A 2 24.20 -4.29 -3.85
C LEU A 2 22.97 -3.78 -3.12
N GLN A 3 23.19 -2.97 -2.10
CA GLN A 3 22.10 -2.40 -1.31
C GLN A 3 22.02 -0.89 -1.46
N LEU A 4 20.81 -0.40 -1.66
CA LEU A 4 20.57 1.04 -1.78
C LEU A 4 19.73 1.42 -0.57
N THR A 5 20.28 2.28 0.28
CA THR A 5 19.58 2.69 1.48
C THR A 5 19.17 4.16 1.41
N GLN A 6 17.87 4.41 1.58
CA GLN A 6 17.33 5.76 1.55
C GLN A 6 17.06 6.31 2.95
N SER A 7 17.48 7.55 3.17
CA SER A 7 17.30 8.21 4.45
C SER A 7 16.86 9.66 4.26
N PRO A 8 15.89 10.11 5.07
CA PRO A 8 15.25 9.27 6.09
C PRO A 8 14.14 8.46 5.42
N SER A 9 13.76 7.33 6.02
CA SER A 9 12.71 6.50 5.44
C SER A 9 11.39 7.28 5.34
N SER A 10 11.17 8.13 6.34
CA SER A 10 9.96 8.94 6.40
C SER A 10 10.33 10.36 6.81
N LEU A 11 9.59 11.33 6.29
CA LEU A 11 9.85 12.74 6.59
C LEU A 11 8.56 13.56 6.51
N SER A 12 8.34 14.40 7.51
CA SER A 12 7.16 15.25 7.52
C SER A 12 7.64 16.67 7.25
N ALA A 13 6.94 17.36 6.34
CA ALA A 13 7.33 18.71 5.98
C ALA A 13 6.11 19.56 5.67
N SER A 14 6.36 20.83 5.33
CA SER A 14 5.28 21.76 5.00
C SER A 14 5.54 22.38 3.64
N VAL A 15 4.48 22.95 3.05
CA VAL A 15 4.58 23.60 1.76
C VAL A 15 5.56 24.75 1.90
N GLY A 16 6.50 24.85 0.97
CA GLY A 16 7.47 25.94 1.03
C GLY A 16 8.76 25.53 1.71
N ASP A 17 8.80 24.33 2.27
CA ASP A 17 10.01 23.83 2.92
C ASP A 17 11.03 23.39 1.89
N ARG A 18 12.29 23.40 2.31
CA ARG A 18 13.38 22.96 1.47
C ARG A 18 13.82 21.64 2.09
N ILE A 19 13.70 20.55 1.34
CA ILE A 19 14.11 19.26 1.89
C ILE A 19 15.10 18.58 0.98
N THR A 20 15.96 17.77 1.58
CA THR A 20 16.96 17.03 0.82
C THR A 20 16.93 15.61 1.35
N ILE A 21 16.82 14.65 0.43
CA ILE A 21 16.76 13.24 0.77
C ILE A 21 18.00 12.55 0.22
N THR A 22 18.41 11.46 0.86
CA THR A 22 19.60 10.76 0.41
C THR A 22 19.42 9.27 0.09
N CYS A 23 20.32 8.79 -0.74
CA CYS A 23 20.33 7.41 -1.18
C CYS A 23 21.79 6.99 -1.24
N ARG A 24 22.14 5.96 -0.50
CA ARG A 24 23.51 5.48 -0.47
C ARG A 24 23.62 4.06 -1.01
N ALA A 25 24.65 3.82 -1.81
CA ALA A 25 24.87 2.51 -2.40
C ALA A 25 26.05 1.81 -1.72
N SER A 26 25.87 0.53 -1.41
CA SER A 26 26.91 -0.26 -0.76
C SER A 26 28.19 -0.38 -1.60
N GLN A 27 28.05 -0.15 -2.90
CA GLN A 27 29.18 -0.23 -3.81
C GLN A 27 29.10 0.93 -4.82
N GLY A 28 30.26 1.38 -5.29
CA GLY A 28 30.28 2.47 -6.24
C GLY A 28 29.43 2.22 -7.48
N VAL A 29 28.58 3.18 -7.82
CA VAL A 29 27.73 3.04 -9.00
C VAL A 29 27.95 4.19 -9.98
N THR A 30 29.09 4.86 -9.86
CA THR A 30 29.43 6.01 -10.71
C THR A 30 28.28 7.03 -10.67
N SER A 31 27.74 7.39 -11.81
CA SER A 31 26.64 8.36 -11.83
C SER A 31 25.33 7.70 -12.27
N ALA A 32 25.31 6.38 -12.28
CA ALA A 32 24.11 5.64 -12.71
C ALA A 32 23.01 5.57 -11.67
N LEU A 33 22.47 6.73 -11.28
CA LEU A 33 21.40 6.77 -10.29
C LEU A 33 20.24 7.66 -10.73
N ALA A 34 19.02 7.17 -10.59
CA ALA A 34 17.85 7.94 -10.98
C ALA A 34 16.92 8.14 -9.79
N TRP A 35 16.21 9.27 -9.78
CA TRP A 35 15.27 9.57 -8.70
C TRP A 35 13.86 9.64 -9.29
N TYR A 36 12.91 9.05 -8.58
CA TYR A 36 11.52 9.06 -9.02
C TYR A 36 10.57 9.51 -7.91
N ARG A 37 9.48 10.14 -8.30
CA ARG A 37 8.45 10.54 -7.35
C ARG A 37 7.24 9.68 -7.68
N GLN A 38 6.58 9.13 -6.66
CA GLN A 38 5.42 8.31 -6.91
C GLN A 38 4.23 8.72 -6.06
N LYS A 39 3.18 9.17 -6.73
CA LYS A 39 1.96 9.56 -6.05
C LYS A 39 1.15 8.27 -5.93
N PRO A 40 0.43 8.09 -4.81
CA PRO A 40 -0.37 6.90 -4.57
C PRO A 40 -1.30 6.56 -5.74
N GLY A 41 -1.25 5.31 -6.18
CA GLY A 41 -2.10 4.86 -7.26
C GLY A 41 -1.56 5.14 -8.65
N SER A 42 -0.40 5.79 -8.72
CA SER A 42 0.21 6.10 -10.01
C SER A 42 1.58 5.45 -10.11
N PRO A 43 2.11 5.33 -11.34
CA PRO A 43 3.42 4.72 -11.49
C PRO A 43 4.50 5.74 -11.16
N PRO A 44 5.73 5.28 -10.94
CA PRO A 44 6.82 6.20 -10.62
C PRO A 44 7.02 7.17 -11.77
N GLN A 45 7.51 8.36 -11.46
CA GLN A 45 7.75 9.38 -12.46
C GLN A 45 9.18 9.88 -12.32
N LEU A 46 9.95 9.78 -13.40
CA LEU A 46 11.34 10.20 -13.41
C LEU A 46 11.54 11.68 -13.14
N LEU A 47 12.37 11.99 -12.14
CA LEU A 47 12.67 13.37 -11.76
C LEU A 47 14.07 13.71 -12.23
N ILE A 48 15.04 12.92 -11.78
CA ILE A 48 16.45 13.11 -12.10
C ILE A 48 17.06 11.83 -12.67
N TYR A 49 17.88 11.98 -13.71
CA TYR A 49 18.55 10.82 -14.30
C TYR A 49 20.04 11.11 -14.33
N ASP A 50 20.84 10.06 -14.39
CA ASP A 50 22.28 10.20 -14.42
C ASP A 50 22.78 11.01 -13.22
N ALA A 51 22.17 10.76 -12.06
CA ALA A 51 22.51 11.39 -10.78
C ALA A 51 22.22 12.89 -10.61
N SER A 52 22.48 13.69 -11.63
CA SER A 52 22.28 15.12 -11.51
C SER A 52 21.52 15.80 -12.64
N SER A 53 21.07 15.02 -13.63
CA SER A 53 20.36 15.62 -14.74
C SER A 53 18.86 15.72 -14.49
N LEU A 54 18.32 16.91 -14.67
CA LEU A 54 16.91 17.19 -14.46
C LEU A 54 16.16 16.70 -15.69
N GLU A 55 15.22 15.76 -15.49
CA GLU A 55 14.45 15.23 -16.61
C GLU A 55 13.59 16.31 -17.26
N SER A 56 13.56 16.31 -18.58
CA SER A 56 12.79 17.30 -19.32
C SER A 56 11.33 17.29 -18.88
N GLY A 57 10.79 18.47 -18.60
CA GLY A 57 9.41 18.57 -18.17
C GLY A 57 9.24 18.56 -16.66
N VAL A 58 10.33 18.28 -15.95
CA VAL A 58 10.31 18.25 -14.49
C VAL A 58 10.61 19.66 -13.96
N PRO A 59 9.78 20.17 -13.05
CA PRO A 59 9.96 21.50 -12.46
C PRO A 59 11.34 21.78 -11.87
N SER A 60 11.76 23.04 -11.96
CA SER A 60 13.06 23.47 -11.45
C SER A 60 13.23 23.22 -9.96
N ARG A 61 12.13 22.98 -9.26
CA ARG A 61 12.18 22.70 -7.81
C ARG A 61 13.20 21.63 -7.50
N PHE A 62 13.17 20.55 -8.29
CA PHE A 62 14.04 19.41 -8.08
C PHE A 62 15.45 19.50 -8.62
N SER A 63 16.39 18.95 -7.87
CA SER A 63 17.79 18.91 -8.26
C SER A 63 18.40 17.71 -7.56
N GLY A 64 19.43 17.14 -8.18
CA GLY A 64 20.09 15.99 -7.58
C GLY A 64 21.59 16.12 -7.69
N SER A 65 22.32 15.44 -6.82
CA SER A 65 23.77 15.50 -6.86
C SER A 65 24.36 14.26 -6.20
N GLY A 66 25.61 13.99 -6.52
CA GLY A 66 26.27 12.84 -5.94
C GLY A 66 26.95 11.98 -6.98
N SER A 67 27.75 11.05 -6.50
CA SER A 67 28.47 10.14 -7.36
C SER A 67 29.03 9.04 -6.47
N GLY A 68 29.41 7.92 -7.07
CA GLY A 68 29.96 6.82 -6.30
C GLY A 68 28.91 6.15 -5.44
N THR A 69 28.93 6.44 -4.14
CA THR A 69 27.98 5.84 -3.21
C THR A 69 27.08 6.84 -2.49
N GLU A 70 27.33 8.13 -2.70
CA GLU A 70 26.53 9.17 -2.05
C GLU A 70 25.67 9.95 -3.04
N PHE A 71 24.38 10.01 -2.78
CA PHE A 71 23.48 10.74 -3.67
C PHE A 71 22.35 11.45 -2.92
N THR A 72 21.99 12.62 -3.42
CA THR A 72 20.92 13.39 -2.79
C THR A 72 19.93 13.96 -3.79
N LEU A 73 18.72 14.16 -3.31
CA LEU A 73 17.65 14.76 -4.09
C LEU A 73 17.18 15.92 -3.25
N THR A 74 17.08 17.11 -3.85
CA THR A 74 16.62 18.26 -3.08
C THR A 74 15.48 18.97 -3.77
N ILE A 75 14.51 19.40 -2.98
CA ILE A 75 13.35 20.10 -3.49
C ILE A 75 13.38 21.48 -2.84
N SER A 76 13.43 22.52 -3.68
CA SER A 76 13.45 23.89 -3.18
C SER A 76 12.00 24.34 -3.14
N THR A 77 11.47 24.52 -1.94
CA THR A 77 10.08 24.90 -1.77
C THR A 77 9.21 23.71 -2.15
N LEU A 78 8.78 22.99 -1.13
CA LEU A 78 7.94 21.84 -1.34
C LEU A 78 6.57 22.34 -1.81
N ARG A 79 5.97 21.62 -2.76
CA ARG A 79 4.65 21.99 -3.27
C ARG A 79 3.66 20.91 -2.83
N PRO A 80 2.38 21.26 -2.72
CA PRO A 80 1.37 20.28 -2.31
C PRO A 80 1.43 18.94 -3.04
N GLU A 81 1.81 18.95 -4.31
CA GLU A 81 1.89 17.70 -5.06
C GLU A 81 3.17 16.93 -4.79
N ASP A 82 4.05 17.50 -3.97
CA ASP A 82 5.31 16.82 -3.65
C ASP A 82 5.16 15.86 -2.47
N PHE A 83 4.01 15.90 -1.81
CA PHE A 83 3.78 15.00 -0.69
C PHE A 83 3.50 13.65 -1.33
N ALA A 84 4.53 12.82 -1.35
CA ALA A 84 4.44 11.50 -1.95
C ALA A 84 5.66 10.69 -1.51
N THR A 85 5.90 9.58 -2.19
CA THR A 85 7.04 8.74 -1.87
C THR A 85 8.08 8.81 -3.00
N TYR A 86 9.34 8.94 -2.61
CA TYR A 86 10.42 9.05 -3.58
C TYR A 86 11.35 7.85 -3.52
N TYR A 87 11.78 7.40 -4.70
CA TYR A 87 12.69 6.27 -4.80
C TYR A 87 13.91 6.59 -5.63
N CYS A 88 15.02 5.93 -5.31
CA CYS A 88 16.23 6.08 -6.09
C CYS A 88 16.44 4.70 -6.72
N GLN A 89 17.17 4.66 -7.82
CA GLN A 89 17.43 3.41 -8.51
C GLN A 89 18.80 3.48 -9.17
N GLN A 90 19.58 2.43 -8.98
CA GLN A 90 20.92 2.32 -9.54
C GLN A 90 20.90 1.41 -10.76
N LEU A 91 21.49 1.86 -11.86
CA LEU A 91 21.54 1.08 -13.10
C LEU A 91 22.98 0.82 -13.58
N HIS A 92 23.89 0.71 -12.63
CA HIS A 92 25.30 0.47 -12.93
C HIS A 92 25.61 -1.03 -12.87
N PHE A 93 24.99 -1.72 -11.91
CA PHE A 93 25.17 -3.16 -11.70
C PHE A 93 23.84 -3.91 -11.74
N TYR A 94 23.80 -5.03 -12.45
CA TYR A 94 22.58 -5.83 -12.50
C TYR A 94 22.55 -6.70 -11.26
N PRO A 95 21.38 -6.82 -10.62
CA PRO A 95 20.08 -6.22 -10.96
C PRO A 95 19.99 -4.74 -10.57
N HIS A 96 19.26 -3.97 -11.38
CA HIS A 96 19.06 -2.54 -11.16
C HIS A 96 18.15 -2.27 -9.94
N THR A 97 18.73 -2.36 -8.76
CA THR A 97 17.95 -2.18 -7.53
C THR A 97 17.40 -0.79 -7.23
N PHE A 98 16.27 -0.79 -6.51
CA PHE A 98 15.60 0.43 -6.08
C PHE A 98 15.79 0.57 -4.57
N GLY A 99 15.76 1.81 -4.09
CA GLY A 99 15.90 2.03 -2.66
C GLY A 99 14.59 1.69 -1.98
N GLY A 100 14.57 1.70 -0.65
CA GLY A 100 13.35 1.37 0.08
C GLY A 100 12.33 2.50 0.06
N GLY A 101 12.75 3.65 -0.45
CA GLY A 101 11.86 4.79 -0.54
C GLY A 101 11.81 5.71 0.67
N THR A 102 11.39 6.94 0.43
CA THR A 102 11.26 7.93 1.48
C THR A 102 9.89 8.57 1.36
N ARG A 103 9.09 8.42 2.40
CA ARG A 103 7.73 8.95 2.46
C ARG A 103 7.74 10.37 3.01
N VAL A 104 7.25 11.30 2.22
CA VAL A 104 7.17 12.69 2.64
C VAL A 104 5.70 13.02 2.87
N ASP A 105 5.35 13.37 4.11
CA ASP A 105 3.96 13.71 4.41
C ASP A 105 3.83 15.10 5.00
N VAL A 106 2.58 15.56 5.10
CA VAL A 106 2.26 16.87 5.63
C VAL A 106 2.45 16.93 7.14
N ARG A 107 3.26 17.88 7.59
CA ARG A 107 3.50 18.04 9.01
C ARG A 107 2.36 18.82 9.66
N ARG A 108 2.05 18.45 10.89
CA ARG A 108 1.02 19.11 11.67
C ARG A 108 1.37 18.82 13.13
N THR A 109 0.65 19.43 14.05
CA THR A 109 0.94 19.21 15.46
C THR A 109 0.62 17.78 15.87
N VAL A 110 1.40 17.24 16.80
CA VAL A 110 1.22 15.89 17.30
C VAL A 110 -0.20 15.71 17.85
N ALA A 111 -0.85 14.63 17.44
CA ALA A 111 -2.20 14.33 17.89
C ALA A 111 -2.29 12.85 18.27
N ALA A 112 -2.64 12.59 19.53
CA ALA A 112 -2.77 11.23 20.01
C ALA A 112 -4.01 10.59 19.41
N PRO A 113 -4.00 9.27 19.23
CA PRO A 113 -5.18 8.62 18.66
C PRO A 113 -6.31 8.41 19.66
N SER A 114 -7.54 8.39 19.16
CA SER A 114 -8.70 8.13 19.99
C SER A 114 -8.82 6.62 19.77
N VAL A 115 -8.75 5.86 20.85
CA VAL A 115 -8.78 4.41 20.74
C VAL A 115 -10.10 3.76 21.13
N PHE A 116 -10.55 2.82 20.30
CA PHE A 116 -11.79 2.09 20.53
C PHE A 116 -11.58 0.61 20.29
N ILE A 117 -12.20 -0.22 21.13
CA ILE A 117 -12.09 -1.67 20.96
C ILE A 117 -13.51 -2.21 20.73
N PHE A 118 -13.62 -3.15 19.79
CA PHE A 118 -14.90 -3.74 19.42
C PHE A 118 -14.89 -5.26 19.53
N PRO A 119 -15.81 -5.82 20.33
CA PRO A 119 -15.86 -7.27 20.48
C PRO A 119 -16.50 -7.86 19.22
N PRO A 120 -16.33 -9.17 19.00
CA PRO A 120 -16.92 -9.79 17.82
C PRO A 120 -18.43 -9.88 18.04
N SER A 121 -19.18 -9.89 16.95
CA SER A 121 -20.63 -9.97 17.02
C SER A 121 -21.07 -11.41 17.22
N ASP A 122 -22.23 -11.60 17.84
CA ASP A 122 -22.76 -12.94 18.06
C ASP A 122 -23.03 -13.56 16.69
N GLU A 123 -23.36 -12.72 15.73
CA GLU A 123 -23.65 -13.17 14.38
C GLU A 123 -22.40 -13.86 13.80
N GLN A 124 -21.24 -13.23 13.93
CA GLN A 124 -20.00 -13.81 13.41
C GLN A 124 -19.59 -15.08 14.14
N LEU A 125 -19.82 -15.14 15.45
CA LEU A 125 -19.42 -16.30 16.23
C LEU A 125 -19.99 -17.59 15.65
N LYS A 126 -21.17 -17.50 15.06
CA LYS A 126 -21.81 -18.66 14.47
C LYS A 126 -20.96 -19.27 13.36
N SER A 127 -20.12 -18.45 12.74
CA SER A 127 -19.27 -18.90 11.65
C SER A 127 -18.06 -19.69 12.13
N GLY A 128 -17.76 -19.60 13.42
CA GLY A 128 -16.63 -20.31 13.97
C GLY A 128 -15.39 -19.45 14.15
N THR A 129 -15.51 -18.17 13.85
CA THR A 129 -14.40 -17.26 14.01
C THR A 129 -14.83 -16.00 14.74
N ALA A 130 -13.90 -15.40 15.47
CA ALA A 130 -14.17 -14.18 16.22
C ALA A 130 -13.18 -13.10 15.81
N SER A 131 -13.70 -11.95 15.38
CA SER A 131 -12.85 -10.85 14.97
C SER A 131 -12.97 -9.75 16.02
N VAL A 132 -11.85 -9.33 16.58
CA VAL A 132 -11.89 -8.26 17.55
C VAL A 132 -11.11 -7.12 16.92
N VAL A 133 -11.72 -5.94 16.86
CA VAL A 133 -11.06 -4.82 16.21
C VAL A 133 -10.74 -3.65 17.11
N CYS A 134 -9.57 -3.07 16.87
CA CYS A 134 -9.12 -1.90 17.61
C CYS A 134 -8.94 -0.75 16.64
N LEU A 135 -9.58 0.37 16.94
CA LEU A 135 -9.50 1.54 16.11
C LEU A 135 -8.71 2.67 16.76
N LEU A 136 -7.75 3.20 16.00
CA LEU A 136 -6.92 4.33 16.43
C LEU A 136 -7.34 5.42 15.47
N ASN A 137 -8.14 6.36 15.97
CA ASN A 137 -8.68 7.42 15.14
C ASN A 137 -7.98 8.78 15.18
N ASN A 138 -7.79 9.33 13.98
CA ASN A 138 -7.19 10.65 13.78
C ASN A 138 -5.94 10.97 14.61
N PHE A 139 -4.82 10.32 14.29
CA PHE A 139 -3.59 10.58 15.03
C PHE A 139 -2.47 11.10 14.12
N TYR A 140 -1.41 11.60 14.74
CA TYR A 140 -0.24 12.12 14.04
C TYR A 140 0.92 12.23 15.02
N PRO A 141 2.13 11.79 14.62
CA PRO A 141 2.52 11.20 13.34
C PRO A 141 1.95 9.81 13.04
N ARG A 142 2.30 9.29 11.87
CA ARG A 142 1.83 8.00 11.39
C ARG A 142 2.26 6.78 12.21
N GLU A 143 3.50 6.81 12.71
CA GLU A 143 4.03 5.69 13.49
C GLU A 143 3.16 5.41 14.72
N ALA A 144 2.69 4.17 14.83
CA ALA A 144 1.86 3.77 15.97
C ALA A 144 2.02 2.28 16.24
N LYS A 145 1.94 1.91 17.50
CA LYS A 145 2.10 0.52 17.90
C LYS A 145 0.86 -0.06 18.58
N VAL A 146 0.32 -1.14 18.02
CA VAL A 146 -0.83 -1.80 18.60
C VAL A 146 -0.41 -3.18 19.11
N GLN A 147 -0.71 -3.44 20.38
CA GLN A 147 -0.39 -4.73 20.99
C GLN A 147 -1.68 -5.38 21.49
N TRP A 148 -1.93 -6.61 21.08
CA TRP A 148 -3.13 -7.33 21.52
C TRP A 148 -2.82 -8.29 22.67
N LYS A 149 -3.73 -8.35 23.63
CA LYS A 149 -3.58 -9.25 24.77
C LYS A 149 -4.91 -9.93 25.10
N VAL A 150 -4.82 -11.21 25.44
CA VAL A 150 -5.98 -11.99 25.82
C VAL A 150 -5.61 -12.62 27.14
N ASP A 151 -6.33 -12.24 28.21
CA ASP A 151 -6.03 -12.73 29.53
C ASP A 151 -4.53 -12.60 29.82
N ASN A 152 -4.02 -11.40 29.61
CA ASN A 152 -2.61 -11.06 29.85
C ASN A 152 -1.64 -11.72 28.89
N ALA A 153 -2.14 -12.51 27.95
CA ALA A 153 -1.28 -13.18 26.99
C ALA A 153 -1.07 -12.35 25.72
N LEU A 154 0.18 -12.05 25.42
CA LEU A 154 0.50 -11.27 24.22
C LEU A 154 0.17 -12.07 22.97
N GLN A 155 -0.60 -11.46 22.07
CA GLN A 155 -0.97 -12.14 20.83
C GLN A 155 0.03 -11.79 19.73
N SER A 156 0.46 -12.79 18.98
CA SER A 156 1.42 -12.59 17.90
C SER A 156 1.10 -13.47 16.71
N GLY A 157 1.11 -12.87 15.52
CA GLY A 157 0.83 -13.62 14.31
C GLY A 157 -0.64 -13.76 13.92
N ASN A 158 -1.55 -13.39 14.82
CA ASN A 158 -2.98 -13.52 14.50
C ASN A 158 -3.71 -12.18 14.33
N SER A 159 -2.99 -11.15 13.93
CA SER A 159 -3.61 -9.86 13.70
C SER A 159 -3.11 -9.23 12.40
N GLN A 160 -3.95 -8.35 11.84
CA GLN A 160 -3.62 -7.63 10.62
C GLN A 160 -4.12 -6.21 10.80
N GLU A 161 -3.41 -5.25 10.23
CA GLU A 161 -3.83 -3.88 10.36
C GLU A 161 -3.70 -3.14 9.03
N SER A 162 -4.42 -2.03 8.89
CA SER A 162 -4.36 -1.22 7.70
C SER A 162 -4.49 0.22 8.15
N VAL A 163 -3.89 1.14 7.40
CA VAL A 163 -3.92 2.55 7.74
C VAL A 163 -4.46 3.36 6.58
N THR A 164 -5.17 4.44 6.90
CA THR A 164 -5.74 5.30 5.88
C THR A 164 -4.69 6.29 5.36
N GLU A 165 -4.95 6.91 4.22
CA GLU A 165 -4.04 7.90 3.66
C GLU A 165 -4.20 9.15 4.53
N GLN A 166 -3.17 9.98 4.59
CA GLN A 166 -3.24 11.19 5.41
C GLN A 166 -4.46 12.02 5.00
N ASP A 167 -5.26 12.43 5.99
CA ASP A 167 -6.46 13.23 5.74
C ASP A 167 -6.12 14.58 5.10
N SER A 168 -6.76 14.87 3.96
CA SER A 168 -6.53 16.10 3.21
C SER A 168 -6.84 17.40 3.95
N LYS A 169 -7.73 17.33 4.94
CA LYS A 169 -8.12 18.51 5.69
C LYS A 169 -7.56 18.52 7.09
N ASP A 170 -7.39 17.31 7.64
CA ASP A 170 -6.94 17.10 9.00
C ASP A 170 -5.44 16.80 9.13
N SER A 171 -4.90 16.16 8.11
CA SER A 171 -3.50 15.76 8.09
C SER A 171 -3.24 14.63 9.08
N THR A 172 -4.31 14.02 9.58
CA THR A 172 -4.16 12.91 10.51
C THR A 172 -4.32 11.58 9.81
N TYR A 173 -4.02 10.51 10.55
CA TYR A 173 -4.16 9.15 10.03
C TYR A 173 -5.06 8.39 10.99
N SER A 174 -5.57 7.26 10.53
CA SER A 174 -6.40 6.40 11.35
C SER A 174 -5.95 4.97 11.05
N LEU A 175 -6.02 4.10 12.05
CA LEU A 175 -5.58 2.73 11.85
C LEU A 175 -6.55 1.72 12.45
N SER A 176 -6.69 0.61 11.75
CA SER A 176 -7.57 -0.47 12.18
C SER A 176 -6.77 -1.75 12.31
N SER A 177 -6.86 -2.40 13.46
CA SER A 177 -6.17 -3.65 13.68
C SER A 177 -7.20 -4.70 14.07
N THR A 178 -7.12 -5.86 13.44
CA THR A 178 -8.05 -6.94 13.70
C THR A 178 -7.32 -8.17 14.22
N LEU A 179 -7.81 -8.68 15.33
CA LEU A 179 -7.25 -9.89 15.93
C LEU A 179 -8.25 -10.99 15.61
N THR A 180 -7.77 -12.06 14.97
CA THR A 180 -8.64 -13.16 14.60
C THR A 180 -8.40 -14.37 15.50
N LEU A 181 -9.48 -14.91 16.05
CA LEU A 181 -9.41 -16.07 16.93
C LEU A 181 -10.55 -17.02 16.57
N SER A 182 -10.42 -18.29 16.95
CA SER A 182 -11.49 -19.25 16.69
C SER A 182 -12.55 -18.97 17.75
N LYS A 183 -13.79 -19.36 17.47
CA LYS A 183 -14.87 -19.14 18.44
C LYS A 183 -14.49 -19.78 19.77
N ALA A 184 -13.82 -20.93 19.69
CA ALA A 184 -13.41 -21.66 20.88
C ALA A 184 -12.42 -20.87 21.72
N ASP A 185 -11.41 -20.31 21.08
CA ASP A 185 -10.41 -19.53 21.81
C ASP A 185 -11.10 -18.36 22.50
N TYR A 186 -11.98 -17.70 21.76
CA TYR A 186 -12.71 -16.53 22.27
C TYR A 186 -13.54 -16.86 23.51
N GLU A 187 -14.28 -17.98 23.47
CA GLU A 187 -15.11 -18.38 24.60
C GLU A 187 -14.26 -18.83 25.78
N LYS A 188 -13.03 -19.29 25.49
CA LYS A 188 -12.14 -19.78 26.53
C LYS A 188 -11.46 -18.69 27.35
N HIS A 189 -11.53 -17.45 26.89
CA HIS A 189 -10.90 -16.37 27.62
C HIS A 189 -11.87 -15.24 27.91
N LYS A 190 -11.47 -14.35 28.83
CA LYS A 190 -12.35 -13.27 29.24
C LYS A 190 -11.95 -11.83 28.90
N VAL A 191 -10.71 -11.46 29.18
CA VAL A 191 -10.25 -10.10 28.93
C VAL A 191 -9.56 -9.93 27.59
N TYR A 192 -10.03 -8.96 26.82
CA TYR A 192 -9.47 -8.65 25.53
C TYR A 192 -8.94 -7.23 25.59
N GLU A 193 -7.63 -7.09 25.40
CA GLU A 193 -6.97 -5.79 25.50
C GLU A 193 -6.27 -5.32 24.23
N CYS A 194 -6.45 -4.04 23.92
CA CYS A 194 -5.79 -3.41 22.80
C CYS A 194 -4.93 -2.32 23.43
N GLU A 195 -3.61 -2.46 23.33
CA GLU A 195 -2.72 -1.47 23.89
C GLU A 195 -2.05 -0.71 22.77
N VAL A 196 -2.17 0.61 22.82
CA VAL A 196 -1.60 1.48 21.80
C VAL A 196 -0.48 2.39 22.27
N THR A 197 0.61 2.39 21.51
CA THR A 197 1.74 3.25 21.82
C THR A 197 1.82 4.28 20.71
N HIS A 198 2.03 5.55 21.08
CA HIS A 198 2.12 6.63 20.12
C HIS A 198 2.74 7.88 20.76
N GLN A 199 3.57 8.58 19.99
CA GLN A 199 4.24 9.78 20.49
C GLN A 199 3.34 10.74 21.24
N GLY A 200 2.07 10.81 20.85
CA GLY A 200 1.14 11.71 21.51
C GLY A 200 0.63 11.24 22.85
N LEU A 201 1.04 10.05 23.27
CA LEU A 201 0.62 9.48 24.54
C LEU A 201 1.80 9.40 25.50
N SER A 202 1.73 10.12 26.61
CA SER A 202 2.81 10.12 27.59
C SER A 202 3.11 8.69 27.98
N SER A 203 2.08 7.85 27.91
CA SER A 203 2.21 6.44 28.24
C SER A 203 1.23 5.65 27.37
N PRO A 204 1.49 4.35 27.15
CA PRO A 204 0.58 3.56 26.32
C PRO A 204 -0.82 3.48 26.91
N VAL A 205 -1.83 3.57 26.07
CA VAL A 205 -3.20 3.49 26.54
C VAL A 205 -3.77 2.15 26.18
N THR A 206 -4.56 1.58 27.09
CA THR A 206 -5.17 0.29 26.87
C THR A 206 -6.69 0.33 26.95
N LYS A 207 -7.34 -0.11 25.88
CA LYS A 207 -8.79 -0.19 25.84
C LYS A 207 -9.10 -1.67 25.89
N SER A 208 -10.05 -2.06 26.72
CA SER A 208 -10.37 -3.47 26.86
C SER A 208 -11.83 -3.73 27.14
N PHE A 209 -12.18 -5.01 27.18
CA PHE A 209 -13.54 -5.44 27.49
C PHE A 209 -13.49 -6.88 27.96
N ASN A 210 -14.48 -7.28 28.74
CA ASN A 210 -14.58 -8.65 29.22
C ASN A 210 -15.70 -9.31 28.43
N ARG A 211 -15.39 -10.41 27.76
CA ARG A 211 -16.36 -11.14 26.95
C ARG A 211 -17.69 -11.32 27.70
N GLY A 212 -17.58 -11.63 28.99
CA GLY A 212 -18.78 -11.80 29.78
C GLY A 212 -19.45 -10.46 30.05
N GLU A 213 -18.87 -9.70 30.97
CA GLU A 213 -19.39 -8.38 31.36
C GLU A 213 -19.53 -7.43 30.17
N ARG B 1 6.55 10.83 -28.08
CA ARG B 1 5.26 10.40 -27.46
C ARG B 1 5.30 8.89 -27.19
N ILE B 2 6.13 8.50 -26.22
CA ILE B 2 6.26 7.10 -25.85
C ILE B 2 5.21 6.70 -24.82
N THR B 3 4.61 5.53 -25.03
CA THR B 3 3.60 5.00 -24.12
C THR B 3 3.74 3.49 -24.02
N LEU B 4 3.47 2.95 -22.84
CA LEU B 4 3.52 1.52 -22.62
C LEU B 4 2.31 1.14 -21.79
N LYS B 5 1.78 -0.05 -22.02
CA LYS B 5 0.62 -0.49 -21.26
C LYS B 5 0.70 -1.98 -20.96
N GLU B 6 0.50 -2.32 -19.69
CA GLU B 6 0.55 -3.70 -19.24
C GLU B 6 -0.83 -4.35 -19.38
N SER B 7 -0.86 -5.62 -19.74
CA SER B 7 -2.11 -6.36 -19.88
C SER B 7 -1.90 -7.82 -19.51
N GLY B 8 -2.98 -8.48 -19.11
CA GLY B 8 -2.91 -9.87 -18.71
C GLY B 8 -3.95 -10.09 -17.65
N PRO B 9 -4.18 -11.33 -17.22
CA PRO B 9 -5.17 -11.63 -16.17
C PRO B 9 -4.87 -10.94 -14.85
N PRO B 10 -5.88 -10.30 -14.25
CA PRO B 10 -5.67 -9.62 -12.97
C PRO B 10 -5.65 -10.60 -11.81
N LEU B 11 -6.08 -11.84 -12.07
CA LEU B 11 -6.13 -12.89 -11.05
C LEU B 11 -5.39 -14.13 -11.49
N VAL B 12 -4.65 -14.73 -10.56
CA VAL B 12 -3.89 -15.94 -10.84
C VAL B 12 -3.87 -16.87 -9.61
N LYS B 13 -4.01 -18.17 -9.84
CA LYS B 13 -4.02 -19.17 -8.79
C LYS B 13 -2.63 -19.39 -8.20
N PRO B 14 -2.55 -19.57 -6.87
CA PRO B 14 -1.36 -19.80 -6.02
C PRO B 14 -0.28 -20.78 -6.49
N THR B 15 -0.45 -21.41 -7.64
CA THR B 15 0.57 -22.33 -8.13
C THR B 15 0.73 -22.14 -9.62
N GLN B 16 -0.26 -21.51 -10.24
CA GLN B 16 -0.27 -21.26 -11.67
C GLN B 16 0.86 -20.33 -12.10
N THR B 17 0.87 -20.02 -13.39
CA THR B 17 1.87 -19.14 -13.97
C THR B 17 1.25 -17.80 -14.35
N LEU B 18 2.00 -16.73 -14.08
CA LEU B 18 1.56 -15.38 -14.39
C LEU B 18 2.19 -14.93 -15.69
N THR B 19 1.36 -14.52 -16.65
CA THR B 19 1.83 -14.04 -17.94
C THR B 19 1.36 -12.61 -18.15
N LEU B 20 2.31 -11.72 -18.38
CA LEU B 20 2.01 -10.31 -18.60
C LEU B 20 2.60 -9.80 -19.90
N THR B 21 1.87 -8.92 -20.57
CA THR B 21 2.33 -8.34 -21.83
C THR B 21 2.43 -6.83 -21.75
N CYS B 22 3.50 -6.30 -22.34
CA CYS B 22 3.75 -4.86 -22.36
C CYS B 22 3.69 -4.40 -23.80
N SER B 23 2.64 -3.63 -24.13
CA SER B 23 2.48 -3.09 -25.48
C SER B 23 2.94 -1.65 -25.46
N PHE B 24 3.81 -1.30 -26.39
CA PHE B 24 4.35 0.05 -26.45
C PHE B 24 4.29 0.67 -27.84
N SER B 25 4.45 1.99 -27.89
CA SER B 25 4.43 2.74 -29.14
C SER B 25 5.23 4.01 -28.94
N GLY B 26 5.71 4.59 -30.04
CA GLY B 26 6.50 5.81 -29.94
C GLY B 26 7.98 5.50 -29.99
N PHE B 27 8.31 4.22 -30.02
CA PHE B 27 9.69 3.78 -30.08
C PHE B 27 9.72 2.31 -30.48
N SER B 28 10.86 1.85 -30.96
CA SER B 28 10.98 0.46 -31.37
C SER B 28 12.09 -0.22 -30.58
N LEU B 29 11.83 -1.44 -30.15
CA LEU B 29 12.81 -2.19 -29.37
C LEU B 29 13.93 -2.68 -30.28
N SER B 30 13.90 -2.27 -31.54
CA SER B 30 14.92 -2.68 -32.49
C SER B 30 16.00 -1.61 -32.55
N ASP B 31 15.69 -0.44 -32.01
CA ASP B 31 16.62 0.68 -31.99
C ASP B 31 17.92 0.27 -31.31
N PHE B 32 18.77 1.23 -30.99
CA PHE B 32 20.05 0.91 -30.36
C PHE B 32 20.10 1.09 -28.85
N GLY B 33 20.44 0.02 -28.15
CA GLY B 33 20.55 0.06 -26.70
C GLY B 33 19.26 0.21 -25.93
N VAL B 34 18.15 0.32 -26.65
CA VAL B 34 16.85 0.50 -26.01
C VAL B 34 16.43 -0.72 -25.20
N GLY B 35 15.81 -0.45 -24.05
CA GLY B 35 15.36 -1.53 -23.19
C GLY B 35 13.95 -1.36 -22.67
N VAL B 36 13.38 -2.48 -22.27
CA VAL B 36 12.03 -2.52 -21.71
C VAL B 36 12.16 -3.40 -20.48
N GLY B 37 11.88 -2.84 -19.32
CA GLY B 37 12.00 -3.61 -18.11
C GLY B 37 10.70 -3.74 -17.33
N TRP B 38 10.72 -4.61 -16.33
CA TRP B 38 9.56 -4.84 -15.48
C TRP B 38 9.91 -4.56 -14.01
N ILE B 39 8.99 -3.87 -13.34
CA ILE B 39 9.16 -3.51 -11.94
C ILE B 39 7.84 -3.86 -11.27
N ARG B 40 7.91 -4.45 -10.09
CA ARG B 40 6.71 -4.85 -9.36
C ARG B 40 6.65 -4.04 -8.07
N GLN B 41 5.45 -3.96 -7.49
CA GLN B 41 5.28 -3.24 -6.24
C GLN B 41 4.11 -3.79 -5.46
N PRO B 42 4.38 -4.52 -4.38
CA PRO B 42 3.26 -5.05 -3.60
C PRO B 42 2.59 -3.86 -2.91
N PRO B 43 1.26 -3.88 -2.80
CA PRO B 43 0.52 -2.78 -2.16
C PRO B 43 1.20 -2.23 -0.90
N GLY B 44 1.85 -3.11 -0.15
CA GLY B 44 2.51 -2.69 1.05
C GLY B 44 4.02 -2.82 0.96
N LYS B 45 4.66 -2.01 0.10
CA LYS B 45 6.10 -2.08 -0.04
C LYS B 45 6.67 -1.21 -1.16
N ALA B 46 7.99 -1.28 -1.30
CA ALA B 46 8.71 -0.52 -2.31
C ALA B 46 8.72 -1.19 -3.68
N LEU B 47 9.39 -0.55 -4.62
CA LEU B 47 9.52 -1.06 -5.97
C LEU B 47 10.57 -2.17 -6.00
N GLU B 48 10.33 -3.20 -6.79
CA GLU B 48 11.27 -4.30 -6.90
C GLU B 48 11.58 -4.57 -8.37
N TRP B 49 12.85 -4.44 -8.74
CA TRP B 49 13.28 -4.67 -10.11
C TRP B 49 13.15 -6.15 -10.46
N LEU B 50 12.50 -6.44 -11.59
CA LEU B 50 12.30 -7.81 -12.02
C LEU B 50 13.21 -8.26 -13.16
N ALA B 51 13.15 -7.58 -14.29
CA ALA B 51 13.96 -7.95 -15.43
C ALA B 51 13.92 -6.90 -16.52
N ILE B 52 14.82 -7.02 -17.49
CA ILE B 52 14.85 -6.07 -18.60
C ILE B 52 15.36 -6.79 -19.85
N ILE B 53 14.91 -6.33 -21.00
CA ILE B 53 15.32 -6.91 -22.27
C ILE B 53 15.68 -5.78 -23.22
N TYR B 54 16.73 -5.97 -24.01
CA TYR B 54 17.16 -4.94 -24.95
C TYR B 54 17.04 -5.38 -26.40
N SER B 55 17.30 -4.44 -27.30
CA SER B 55 17.24 -4.68 -28.74
C SER B 55 18.08 -5.91 -29.13
N ASP B 56 19.22 -6.08 -28.45
CA ASP B 56 20.12 -7.19 -28.72
C ASP B 56 19.45 -8.50 -28.30
N ASP B 57 18.25 -8.41 -27.76
CA ASP B 57 17.51 -9.56 -27.28
C ASP B 57 18.18 -10.02 -25.99
N ASP B 58 19.15 -9.24 -25.54
CA ASP B 58 19.89 -9.52 -24.31
C ASP B 58 18.91 -9.38 -23.15
N LYS B 59 19.05 -10.23 -22.15
CA LYS B 59 18.14 -10.21 -21.01
C LYS B 59 18.87 -10.32 -19.68
N ARG B 60 18.32 -9.63 -18.67
CA ARG B 60 18.89 -9.68 -17.33
C ARG B 60 17.73 -9.88 -16.37
N TYR B 61 17.92 -10.74 -15.37
CA TYR B 61 16.87 -11.02 -14.41
C TYR B 61 17.28 -10.83 -12.96
N SER B 62 16.29 -10.68 -12.10
CA SER B 62 16.52 -10.55 -10.67
C SER B 62 17.14 -11.89 -10.28
N PRO B 63 18.36 -11.87 -9.72
CA PRO B 63 19.04 -13.11 -9.31
C PRO B 63 18.12 -14.03 -8.52
N SER B 64 17.49 -13.47 -7.50
CA SER B 64 16.59 -14.20 -6.62
C SER B 64 15.39 -14.85 -7.29
N LEU B 65 14.93 -14.27 -8.41
CA LEU B 65 13.78 -14.82 -9.13
C LEU B 65 14.19 -15.36 -10.52
N ASN B 66 15.49 -15.49 -10.74
CA ASN B 66 16.01 -15.97 -12.01
C ASN B 66 15.37 -17.25 -12.56
N THR B 67 15.11 -18.23 -11.71
CA THR B 67 14.53 -19.49 -12.19
C THR B 67 13.01 -19.45 -12.35
N ARG B 68 12.38 -18.35 -12.01
CA ARG B 68 10.93 -18.22 -12.13
C ARG B 68 10.51 -17.25 -13.23
N LEU B 69 11.45 -16.43 -13.70
CA LEU B 69 11.17 -15.42 -14.71
C LEU B 69 11.71 -15.72 -16.11
N THR B 70 10.92 -15.37 -17.12
CA THR B 70 11.31 -15.52 -18.51
C THR B 70 10.74 -14.28 -19.21
N ILE B 71 11.60 -13.56 -19.91
CA ILE B 71 11.19 -12.35 -20.61
C ILE B 71 11.53 -12.46 -22.09
N THR B 72 10.57 -12.10 -22.94
CA THR B 72 10.78 -12.15 -24.38
C THR B 72 10.21 -10.91 -25.06
N LYS B 73 10.60 -10.72 -26.32
CA LYS B 73 10.14 -9.58 -27.10
C LYS B 73 9.73 -10.03 -28.50
N ASP B 74 8.77 -9.32 -29.09
CA ASP B 74 8.31 -9.62 -30.43
C ASP B 74 8.33 -8.33 -31.23
N THR B 75 9.37 -8.18 -32.04
CA THR B 75 9.55 -6.99 -32.87
C THR B 75 8.32 -6.67 -33.71
N SER B 76 7.77 -7.69 -34.36
CA SER B 76 6.60 -7.53 -35.22
C SER B 76 5.40 -6.85 -34.57
N LYS B 77 5.20 -7.07 -33.28
CA LYS B 77 4.05 -6.48 -32.62
C LYS B 77 4.38 -5.46 -31.53
N ASN B 78 5.67 -5.15 -31.37
CA ASN B 78 6.09 -4.20 -30.35
C ASN B 78 5.55 -4.56 -28.97
N GLN B 79 5.88 -5.77 -28.51
CA GLN B 79 5.42 -6.21 -27.21
C GLN B 79 6.50 -7.01 -26.51
N VAL B 80 6.52 -6.91 -25.19
CA VAL B 80 7.47 -7.64 -24.37
C VAL B 80 6.62 -8.46 -23.42
N VAL B 81 7.00 -9.71 -23.22
CA VAL B 81 6.24 -10.57 -22.33
C VAL B 81 7.08 -11.05 -21.15
N LEU B 82 6.45 -11.09 -19.98
CA LEU B 82 7.09 -11.56 -18.76
C LEU B 82 6.31 -12.77 -18.26
N VAL B 83 7.03 -13.85 -17.99
CA VAL B 83 6.40 -15.06 -17.49
C VAL B 83 6.97 -15.41 -16.11
N MET B 84 6.09 -15.41 -15.12
CA MET B 84 6.48 -15.73 -13.74
C MET B 84 5.78 -17.02 -13.32
N THR B 85 6.58 -18.05 -13.05
CA THR B 85 6.04 -19.34 -12.64
C THR B 85 5.98 -19.52 -11.13
N ARG B 86 5.26 -20.55 -10.70
CA ARG B 86 5.11 -20.86 -9.29
C ARG B 86 4.77 -19.66 -8.42
N VAL B 87 3.78 -18.86 -8.82
CA VAL B 87 3.42 -17.69 -8.04
C VAL B 87 2.71 -18.08 -6.75
N SER B 88 2.77 -17.19 -5.77
CA SER B 88 2.11 -17.40 -4.48
C SER B 88 1.56 -16.05 -4.05
N PRO B 89 0.74 -16.02 -3.00
CA PRO B 89 0.17 -14.76 -2.54
C PRO B 89 1.17 -13.61 -2.39
N VAL B 90 2.43 -13.92 -2.05
CA VAL B 90 3.44 -12.88 -1.90
C VAL B 90 3.76 -12.15 -3.20
N ASP B 91 3.30 -12.71 -4.32
CA ASP B 91 3.55 -12.11 -5.63
C ASP B 91 2.46 -11.14 -6.04
N THR B 92 1.42 -10.99 -5.24
CA THR B 92 0.37 -10.05 -5.61
C THR B 92 0.98 -8.67 -5.52
N ALA B 93 0.85 -7.91 -6.60
CA ALA B 93 1.39 -6.57 -6.64
C ALA B 93 1.02 -5.92 -7.95
N THR B 94 1.44 -4.67 -8.08
CA THR B 94 1.21 -3.94 -9.31
C THR B 94 2.50 -4.12 -10.10
N TYR B 95 2.35 -4.56 -11.36
CA TYR B 95 3.49 -4.76 -12.22
C TYR B 95 3.55 -3.67 -13.28
N PHE B 96 4.69 -3.01 -13.38
CA PHE B 96 4.89 -1.95 -14.36
C PHE B 96 5.97 -2.37 -15.34
N CYS B 97 5.85 -1.90 -16.58
CA CYS B 97 6.90 -2.15 -17.55
C CYS B 97 7.33 -0.74 -17.92
N ALA B 98 8.61 -0.55 -18.19
CA ALA B 98 9.09 0.79 -18.52
C ALA B 98 10.12 0.77 -19.63
N HIS B 99 10.38 1.96 -20.17
CA HIS B 99 11.32 2.16 -21.24
C HIS B 99 12.65 2.72 -20.73
N ARG B 100 13.76 2.29 -21.33
CA ARG B 100 15.08 2.78 -20.96
C ARG B 100 15.78 3.30 -22.22
N ARG B 101 16.11 4.59 -22.21
CA ARG B 101 16.76 5.22 -23.37
C ARG B 101 18.10 4.59 -23.74
N GLY B 102 18.41 4.65 -25.04
CA GLY B 102 19.66 4.10 -25.54
C GLY B 102 20.82 5.06 -25.37
N PRO B 103 22.07 4.58 -25.49
CA PRO B 103 23.29 5.37 -25.35
C PRO B 103 23.63 6.36 -26.45
N GLY B 114 24.57 9.74 -19.35
CA GLY B 114 23.52 10.28 -20.19
C GLY B 114 22.14 9.78 -19.82
N PRO B 115 21.17 9.88 -20.73
CA PRO B 115 19.79 9.46 -20.55
C PRO B 115 19.57 7.96 -20.35
N VAL B 116 20.62 7.17 -20.46
CA VAL B 116 20.48 5.73 -20.29
C VAL B 116 20.36 5.39 -18.80
N ASN B 117 20.79 6.31 -17.95
CA ASN B 117 20.74 6.07 -16.51
C ASN B 117 19.41 6.38 -15.84
N ALA B 118 18.38 5.66 -16.26
CA ALA B 118 17.04 5.81 -15.72
C ALA B 118 16.03 5.05 -16.57
N MET B 119 14.81 4.91 -16.05
CA MET B 119 13.72 4.30 -16.79
C MET B 119 12.79 5.51 -16.94
N ASP B 120 12.91 6.21 -18.07
CA ASP B 120 12.16 7.44 -18.32
C ASP B 120 10.65 7.40 -18.51
N VAL B 121 10.12 6.36 -19.13
CA VAL B 121 8.67 6.28 -19.32
C VAL B 121 8.11 4.97 -18.78
N TRP B 122 7.05 5.09 -17.99
CA TRP B 122 6.41 3.94 -17.35
C TRP B 122 4.96 3.71 -17.79
N GLY B 123 4.53 2.45 -17.74
CA GLY B 123 3.16 2.13 -18.09
C GLY B 123 2.34 2.43 -16.85
N GLN B 124 1.01 2.40 -16.98
CA GLN B 124 0.13 2.67 -15.85
C GLN B 124 0.26 1.61 -14.76
N GLY B 125 0.63 0.40 -15.19
CA GLY B 125 0.78 -0.69 -14.27
C GLY B 125 -0.49 -1.51 -14.19
N ILE B 126 -0.36 -2.82 -13.98
CA ILE B 126 -1.52 -3.68 -13.87
C ILE B 126 -1.52 -4.37 -12.52
N THR B 127 -2.67 -4.41 -11.88
CA THR B 127 -2.79 -5.04 -10.58
C THR B 127 -3.03 -6.53 -10.75
N VAL B 128 -2.20 -7.32 -10.09
CA VAL B 128 -2.30 -8.77 -10.15
C VAL B 128 -2.47 -9.32 -8.74
N THR B 129 -3.56 -10.05 -8.52
CA THR B 129 -3.81 -10.65 -7.22
C THR B 129 -3.63 -12.16 -7.35
N ILE B 130 -2.94 -12.76 -6.39
CA ILE B 130 -2.70 -14.21 -6.39
C ILE B 130 -3.49 -14.84 -5.26
N SER B 131 -4.58 -15.52 -5.61
CA SER B 131 -5.45 -16.17 -4.64
C SER B 131 -6.14 -17.36 -5.29
N SER B 132 -6.38 -18.40 -4.51
CA SER B 132 -7.05 -19.60 -5.00
C SER B 132 -8.53 -19.46 -4.71
N THR B 133 -8.93 -18.24 -4.39
CA THR B 133 -10.32 -17.95 -4.05
C THR B 133 -11.25 -17.73 -5.23
N SER B 134 -12.53 -18.06 -5.03
CA SER B 134 -13.56 -17.89 -6.05
C SER B 134 -14.32 -16.61 -5.70
N THR B 135 -15.08 -16.09 -6.65
CA THR B 135 -15.87 -14.89 -6.41
C THR B 135 -16.81 -15.13 -5.24
N LYS B 136 -16.65 -14.36 -4.17
CA LYS B 136 -17.48 -14.52 -2.99
C LYS B 136 -17.91 -13.19 -2.38
N GLY B 137 -19.21 -13.08 -2.10
CA GLY B 137 -19.75 -11.87 -1.51
C GLY B 137 -19.32 -11.78 -0.04
N PRO B 138 -19.32 -10.57 0.54
CA PRO B 138 -18.91 -10.45 1.93
C PRO B 138 -20.02 -10.71 2.95
N SER B 139 -19.59 -10.86 4.19
CA SER B 139 -20.50 -11.02 5.31
C SER B 139 -20.25 -9.72 6.06
N VAL B 140 -21.30 -8.99 6.40
CA VAL B 140 -21.12 -7.71 7.09
C VAL B 140 -21.52 -7.75 8.55
N PHE B 141 -20.54 -7.54 9.42
CA PHE B 141 -20.76 -7.57 10.86
C PHE B 141 -20.69 -6.17 11.47
N PRO B 142 -21.38 -5.97 12.59
CA PRO B 142 -21.36 -4.65 13.24
C PRO B 142 -20.18 -4.45 14.18
N LEU B 143 -19.77 -3.19 14.31
CA LEU B 143 -18.70 -2.81 15.22
C LEU B 143 -19.50 -1.81 16.07
N ALA B 144 -20.12 -2.34 17.13
CA ALA B 144 -20.98 -1.57 18.02
C ALA B 144 -20.29 -0.60 18.99
N PRO B 145 -20.86 0.60 19.13
CA PRO B 145 -20.37 1.68 20.00
C PRO B 145 -20.98 1.62 21.39
N SER B 146 -20.75 2.69 22.15
CA SER B 146 -21.29 2.80 23.51
C SER B 146 -20.86 4.13 24.13
N SER B 151 -22.53 16.10 28.21
CA SER B 151 -21.60 17.11 27.71
C SER B 151 -20.54 16.46 26.82
N GLY B 152 -19.99 15.34 27.29
CA GLY B 152 -18.98 14.64 26.52
C GLY B 152 -19.61 13.96 25.31
N GLY B 153 -18.79 13.64 24.31
CA GLY B 153 -19.32 13.00 23.13
C GLY B 153 -18.33 12.16 22.34
N THR B 154 -18.58 12.06 21.04
CA THR B 154 -17.77 11.29 20.11
C THR B 154 -17.61 9.82 20.51
N ALA B 155 -18.40 8.98 19.84
CA ALA B 155 -18.37 7.55 20.05
C ALA B 155 -18.08 6.97 18.68
N ALA B 156 -17.42 5.82 18.64
CA ALA B 156 -17.09 5.22 17.36
C ALA B 156 -17.93 3.98 17.10
N LEU B 157 -18.28 3.78 15.84
CA LEU B 157 -19.05 2.61 15.43
C LEU B 157 -18.63 2.27 14.00
N GLY B 158 -18.95 1.07 13.55
CA GLY B 158 -18.55 0.71 12.20
C GLY B 158 -19.05 -0.65 11.71
N CYS B 159 -18.52 -1.07 10.57
CA CYS B 159 -18.88 -2.33 9.97
C CYS B 159 -17.66 -3.13 9.54
N LEU B 160 -17.72 -4.43 9.79
CA LEU B 160 -16.65 -5.32 9.41
C LEU B 160 -17.15 -6.05 8.17
N VAL B 161 -16.51 -5.80 7.03
CA VAL B 161 -16.89 -6.42 5.76
C VAL B 161 -15.87 -7.53 5.55
N LYS B 162 -16.26 -8.75 5.91
CA LYS B 162 -15.35 -9.88 5.86
C LYS B 162 -15.60 -10.96 4.81
N ASP B 163 -14.51 -11.63 4.49
CA ASP B 163 -14.49 -12.75 3.55
C ASP B 163 -15.12 -12.58 2.19
N TYR B 164 -14.63 -11.60 1.43
CA TYR B 164 -15.15 -11.39 0.08
C TYR B 164 -14.00 -11.50 -0.91
N PHE B 165 -14.35 -11.60 -2.18
CA PHE B 165 -13.36 -11.72 -3.24
C PHE B 165 -14.05 -11.62 -4.59
N PRO B 166 -13.44 -10.85 -5.52
CA PRO B 166 -12.19 -10.12 -5.33
C PRO B 166 -12.50 -8.67 -5.01
N GLU B 167 -11.47 -7.83 -4.97
CA GLU B 167 -11.69 -6.41 -4.73
C GLU B 167 -12.43 -5.95 -5.98
N PRO B 168 -13.12 -4.80 -5.92
CA PRO B 168 -13.25 -3.93 -4.75
C PRO B 168 -14.65 -4.05 -4.15
N VAL B 169 -14.89 -3.27 -3.11
CA VAL B 169 -16.18 -3.24 -2.45
C VAL B 169 -16.36 -1.77 -2.10
N THR B 170 -17.61 -1.34 -1.97
CA THR B 170 -17.85 0.04 -1.61
C THR B 170 -18.69 0.10 -0.35
N VAL B 171 -18.40 1.09 0.48
CA VAL B 171 -19.12 1.27 1.73
C VAL B 171 -19.55 2.72 1.85
N SER B 172 -20.81 2.92 2.22
CA SER B 172 -21.34 4.25 2.42
C SER B 172 -22.13 4.16 3.72
N TRP B 173 -22.44 5.31 4.31
CA TRP B 173 -23.19 5.32 5.55
C TRP B 173 -24.48 6.11 5.41
N ASN B 174 -25.57 5.53 5.91
CA ASN B 174 -26.89 6.13 5.84
C ASN B 174 -27.20 6.58 4.41
N SER B 175 -26.94 5.69 3.47
CA SER B 175 -27.19 5.96 2.06
C SER B 175 -26.43 7.17 1.54
N GLY B 176 -25.25 7.41 2.11
CA GLY B 176 -24.45 8.54 1.67
C GLY B 176 -24.78 9.84 2.38
N ALA B 177 -25.79 9.81 3.25
CA ALA B 177 -26.19 11.00 3.99
C ALA B 177 -25.14 11.32 5.05
N LEU B 178 -24.37 10.32 5.44
CA LEU B 178 -23.34 10.49 6.45
C LEU B 178 -21.97 10.31 5.80
N THR B 179 -21.16 11.37 5.83
CA THR B 179 -19.84 11.33 5.22
C THR B 179 -18.75 11.82 6.18
N SER B 180 -19.11 12.82 6.99
CA SER B 180 -18.17 13.38 7.96
C SER B 180 -17.80 12.36 9.04
N GLY B 181 -16.50 12.26 9.35
CA GLY B 181 -16.06 11.33 10.38
C GLY B 181 -15.88 9.89 9.92
N VAL B 182 -16.22 9.61 8.66
CA VAL B 182 -16.10 8.26 8.11
C VAL B 182 -14.68 7.89 7.68
N HIS B 183 -14.23 6.70 8.08
CA HIS B 183 -12.91 6.20 7.70
C HIS B 183 -13.04 4.76 7.21
N THR B 184 -12.93 4.58 5.89
CA THR B 184 -12.99 3.25 5.30
C THR B 184 -11.57 2.83 5.01
N PHE B 185 -11.10 1.83 5.75
CA PHE B 185 -9.74 1.35 5.62
C PHE B 185 -9.48 0.43 4.43
N PRO B 186 -8.26 0.47 3.90
CA PRO B 186 -7.97 -0.41 2.77
C PRO B 186 -8.13 -1.84 3.27
N ALA B 187 -8.58 -2.73 2.40
CA ALA B 187 -8.79 -4.10 2.79
C ALA B 187 -7.47 -4.82 2.95
N VAL B 188 -7.50 -5.93 3.69
CA VAL B 188 -6.32 -6.73 3.86
C VAL B 188 -6.65 -8.09 3.27
N LEU B 189 -5.69 -8.69 2.60
CA LEU B 189 -5.90 -10.00 2.02
C LEU B 189 -5.49 -10.98 3.12
N GLN B 190 -6.44 -11.81 3.54
CA GLN B 190 -6.19 -12.77 4.60
C GLN B 190 -5.51 -14.03 4.05
N SER B 191 -4.90 -14.82 4.93
CA SER B 191 -4.22 -16.04 4.53
C SER B 191 -5.19 -17.00 3.84
N SER B 192 -6.48 -16.78 4.05
CA SER B 192 -7.52 -17.61 3.46
C SER B 192 -7.72 -17.27 1.99
N GLY B 193 -7.12 -16.18 1.55
CA GLY B 193 -7.28 -15.77 0.17
C GLY B 193 -8.47 -14.85 0.01
N LEU B 194 -9.17 -14.58 1.11
CA LEU B 194 -10.34 -13.70 1.08
C LEU B 194 -9.99 -12.35 1.70
N TYR B 195 -10.63 -11.30 1.21
CA TYR B 195 -10.39 -9.95 1.70
C TYR B 195 -11.25 -9.64 2.91
N SER B 196 -10.83 -8.61 3.64
CA SER B 196 -11.54 -8.16 4.82
C SER B 196 -11.21 -6.69 5.07
N LEU B 197 -12.23 -5.87 5.21
CA LEU B 197 -12.00 -4.46 5.48
C LEU B 197 -13.01 -3.94 6.48
N SER B 198 -12.70 -2.81 7.09
CA SER B 198 -13.58 -2.21 8.06
C SER B 198 -13.84 -0.77 7.67
N SER B 199 -15.02 -0.29 8.04
CA SER B 199 -15.39 1.09 7.77
C SER B 199 -15.97 1.60 9.07
N VAL B 200 -15.45 2.72 9.54
CA VAL B 200 -15.91 3.28 10.79
C VAL B 200 -16.32 4.73 10.65
N VAL B 201 -17.04 5.23 11.66
CA VAL B 201 -17.47 6.60 11.67
C VAL B 201 -17.57 7.06 13.11
N THR B 202 -17.09 8.27 13.37
CA THR B 202 -17.13 8.84 14.71
C THR B 202 -18.35 9.76 14.74
N VAL B 203 -19.14 9.68 15.81
CA VAL B 203 -20.34 10.49 15.96
C VAL B 203 -20.54 10.89 17.42
N PRO B 204 -21.37 11.89 17.68
CA PRO B 204 -21.63 12.34 19.06
C PRO B 204 -22.31 11.24 19.86
N SER B 205 -21.82 10.98 21.06
CA SER B 205 -22.40 9.95 21.91
C SER B 205 -23.89 10.19 22.14
N SER B 206 -24.29 11.46 22.27
CA SER B 206 -25.68 11.80 22.50
C SER B 206 -26.63 11.39 21.38
N SER B 207 -26.10 11.27 20.16
CA SER B 207 -26.93 10.90 19.01
C SER B 207 -27.19 9.40 18.92
N LEU B 208 -26.50 8.63 19.75
CA LEU B 208 -26.65 7.18 19.73
C LEU B 208 -28.09 6.75 20.03
N GLY B 209 -28.70 7.40 21.02
CA GLY B 209 -30.05 7.05 21.40
C GLY B 209 -31.14 7.38 20.39
N THR B 210 -30.92 8.38 19.56
CA THR B 210 -31.91 8.80 18.57
C THR B 210 -31.56 8.46 17.13
N GLN B 211 -30.42 8.94 16.66
CA GLN B 211 -29.98 8.71 15.30
C GLN B 211 -29.73 7.23 15.00
N THR B 212 -29.97 6.81 13.77
CA THR B 212 -29.74 5.42 13.37
C THR B 212 -28.58 5.40 12.39
N TYR B 213 -27.75 4.36 12.50
CA TYR B 213 -26.60 4.25 11.62
C TYR B 213 -26.53 2.90 10.93
N THR B 214 -26.43 2.92 9.61
CA THR B 214 -26.34 1.69 8.85
C THR B 214 -25.35 1.85 7.70
N CYS B 215 -24.48 0.87 7.53
CA CYS B 215 -23.49 0.92 6.46
C CYS B 215 -24.07 0.23 5.23
N ASN B 216 -23.86 0.84 4.07
CA ASN B 216 -24.37 0.28 2.84
C ASN B 216 -23.20 -0.36 2.09
N VAL B 217 -23.16 -1.69 2.10
CA VAL B 217 -22.09 -2.42 1.45
C VAL B 217 -22.49 -2.95 0.08
N ASN B 218 -21.60 -2.79 -0.89
CA ASN B 218 -21.87 -3.25 -2.24
C ASN B 218 -20.63 -3.89 -2.85
N HIS B 219 -20.70 -5.19 -3.10
CA HIS B 219 -19.62 -5.95 -3.72
C HIS B 219 -20.12 -6.32 -5.11
N LYS B 220 -19.82 -5.46 -6.09
CA LYS B 220 -20.24 -5.66 -7.47
C LYS B 220 -19.89 -7.03 -8.06
N PRO B 221 -18.61 -7.45 -7.92
CA PRO B 221 -18.17 -8.74 -8.46
C PRO B 221 -19.10 -9.92 -8.19
N SER B 222 -19.80 -9.88 -7.06
CA SER B 222 -20.71 -10.97 -6.71
C SER B 222 -22.17 -10.52 -6.71
N ASN B 223 -22.42 -9.30 -7.16
CA ASN B 223 -23.77 -8.77 -7.20
C ASN B 223 -24.38 -8.89 -5.80
N THR B 224 -23.58 -8.55 -4.79
CA THR B 224 -24.01 -8.61 -3.40
C THR B 224 -24.10 -7.23 -2.75
N LYS B 225 -25.30 -6.89 -2.29
CA LYS B 225 -25.55 -5.63 -1.61
C LYS B 225 -26.09 -5.95 -0.24
N VAL B 226 -25.55 -5.31 0.78
CA VAL B 226 -25.99 -5.56 2.15
C VAL B 226 -26.11 -4.26 2.92
N ASP B 227 -27.22 -4.08 3.63
CA ASP B 227 -27.41 -2.89 4.45
C ASP B 227 -27.34 -3.39 5.89
N LYS B 228 -26.37 -2.89 6.64
CA LYS B 228 -26.21 -3.34 8.01
C LYS B 228 -26.43 -2.22 9.02
N ARG B 229 -27.51 -2.37 9.77
CA ARG B 229 -27.87 -1.41 10.81
C ARG B 229 -26.97 -1.72 12.00
N VAL B 230 -26.32 -0.69 12.54
CA VAL B 230 -25.44 -0.87 13.67
C VAL B 230 -25.88 -0.02 14.85
N GLU B 231 -25.91 -0.62 16.03
CA GLU B 231 -26.28 0.10 17.24
C GLU B 231 -25.71 -0.58 18.47
N PRO B 232 -25.67 0.14 19.60
CA PRO B 232 -25.13 -0.42 20.86
C PRO B 232 -25.71 -1.79 21.23
#